data_5X7L
#
_entry.id   5X7L
#
_cell.length_a   54.232
_cell.length_b   54.232
_cell.length_c   199.952
_cell.angle_alpha   90.00
_cell.angle_beta   90.00
_cell.angle_gamma   120.00
#
_symmetry.space_group_name_H-M   'P 32 2 1'
#
loop_
_entity.id
_entity.type
_entity.pdbx_description
1 polymer TsrD
2 non-polymer 'ISOPROPYL ALCOHOL'
3 water water
#
_entity_poly.entity_id   1
_entity_poly.type   'polypeptide(L)'
_entity_poly.pdbx_seq_one_letter_code
;GPELDRASVQQL(MSE)EHFLAAYNEGDPRHLDHCLHPEYRHPNPAVERGIEG(MSE)RAAIRRWASTVEDLSLTLDDLV
VEGDKAVAR(MSE)TFSGRQVGPILGIPASGRRFSVGLIDIFLIEDGLFAQHWDE(MSE)DLLGLHRQLGALPD
;
_entity_poly.pdbx_strand_id   A,B
#
loop_
_chem_comp.id
_chem_comp.type
_chem_comp.name
_chem_comp.formula
IPA non-polymer 'ISOPROPYL ALCOHOL' 'C3 H8 O'
#
# COMPACT_ATOMS: atom_id res chain seq x y z
N GLU A 3 17.45 12.49 8.00
CA GLU A 3 18.27 13.73 7.96
C GLU A 3 18.22 14.48 6.61
N LEU A 4 17.59 13.88 5.60
CA LEU A 4 17.37 14.56 4.33
C LEU A 4 16.31 15.63 4.47
N ASP A 5 16.62 16.82 3.95
CA ASP A 5 15.61 17.87 3.82
C ASP A 5 14.50 17.35 2.92
N ARG A 6 13.29 17.83 3.14
CA ARG A 6 12.14 17.30 2.42
C ARG A 6 12.24 17.48 0.91
N ALA A 7 12.69 18.67 0.49
CA ALA A 7 12.91 18.93 -0.93
C ALA A 7 13.91 17.93 -1.51
N SER A 8 14.86 17.49 -0.70
CA SER A 8 15.83 16.49 -1.14
C SER A 8 15.16 15.14 -1.40
N VAL A 9 14.19 14.78 -0.56
CA VAL A 9 13.46 13.53 -0.78
C VAL A 9 12.62 13.63 -2.06
N GLN A 10 12.01 14.80 -2.29
CA GLN A 10 11.28 15.03 -3.54
C GLN A 10 12.18 14.80 -4.75
N GLN A 11 13.42 15.26 -4.66
CA GLN A 11 14.39 15.06 -5.74
C GLN A 11 14.71 13.58 -5.95
N LEU A 12 14.87 12.83 -4.86
CA LEU A 12 15.06 11.38 -4.98
C LEU A 12 13.88 10.75 -5.72
N MSE A 13 12.67 11.17 -5.37
CA MSE A 13 11.48 10.62 -6.01
C MSE A 13 11.43 10.96 -7.49
O MSE A 13 10.96 10.16 -8.28
CB MSE A 13 10.21 11.12 -5.34
CG MSE A 13 9.95 10.53 -3.96
SE MSE A 13 9.93 8.57 -3.94
CE MSE A 13 8.75 8.24 -5.45
N GLU A 14 11.91 12.14 -7.87
CA GLU A 14 11.90 12.51 -9.29
C GLU A 14 12.83 11.57 -10.07
N HIS A 15 13.96 11.20 -9.49
CA HIS A 15 14.85 10.23 -10.13
C HIS A 15 14.21 8.85 -10.20
N PHE A 16 13.53 8.44 -9.13
CA PHE A 16 12.87 7.14 -9.10
C PHE A 16 11.83 7.04 -10.21
N LEU A 17 10.98 8.06 -10.31
CA LEU A 17 9.96 8.10 -11.36
C LEU A 17 10.58 8.08 -12.75
N ALA A 18 11.65 8.86 -12.93
CA ALA A 18 12.29 8.98 -14.24
C ALA A 18 12.90 7.65 -14.69
N ALA A 19 13.42 6.87 -13.76
CA ALA A 19 13.96 5.54 -14.11
C ALA A 19 12.92 4.71 -14.83
N TYR A 20 11.71 4.69 -14.30
CA TYR A 20 10.62 3.91 -14.91
C TYR A 20 10.10 4.58 -16.17
N ASN A 21 9.79 5.87 -16.09
CA ASN A 21 9.16 6.56 -17.21
C ASN A 21 10.06 6.66 -18.43
N GLU A 22 11.37 6.74 -18.21
CA GLU A 22 12.32 6.80 -19.31
C GLU A 22 12.95 5.45 -19.64
N GLY A 23 12.59 4.42 -18.87
CA GLY A 23 13.19 3.10 -19.04
C GLY A 23 14.71 3.16 -18.95
N ASP A 24 15.20 3.98 -18.02
CA ASP A 24 16.63 4.28 -17.92
C ASP A 24 17.09 3.99 -16.49
N PRO A 25 17.68 2.81 -16.28
CA PRO A 25 18.11 2.41 -14.93
C PRO A 25 19.11 3.37 -14.30
N ARG A 26 19.82 4.17 -15.10
CA ARG A 26 20.83 5.08 -14.54
C ARG A 26 20.25 6.06 -13.52
N HIS A 27 18.98 6.42 -13.68
CA HIS A 27 18.34 7.30 -12.69
C HIS A 27 18.35 6.70 -11.29
N LEU A 28 18.32 5.37 -11.19
CA LEU A 28 18.37 4.72 -9.88
C LEU A 28 19.67 4.99 -9.13
N ASP A 29 20.75 5.29 -9.84
CA ASP A 29 22.02 5.59 -9.16
C ASP A 29 21.92 6.86 -8.34
N HIS A 30 20.93 7.70 -8.65
CA HIS A 30 20.75 8.96 -7.96
C HIS A 30 19.69 8.92 -6.86
N CYS A 31 19.07 7.76 -6.66
CA CYS A 31 18.09 7.65 -5.59
C CYS A 31 18.17 6.36 -4.76
N LEU A 32 18.81 5.31 -5.28
CA LEU A 32 18.92 4.05 -4.55
C LEU A 32 20.34 3.76 -4.07
N HIS A 33 20.44 3.19 -2.88
CA HIS A 33 21.70 2.76 -2.30
C HIS A 33 22.29 1.62 -3.13
N PRO A 34 23.62 1.65 -3.37
CA PRO A 34 24.23 0.52 -4.09
C PRO A 34 24.00 -0.84 -3.41
N GLU A 35 23.83 -0.84 -2.09
CA GLU A 35 23.57 -2.06 -1.33
C GLU A 35 22.09 -2.20 -1.00
N TYR A 36 21.23 -1.76 -1.93
CA TYR A 36 19.79 -1.81 -1.78
C TYR A 36 19.30 -3.19 -1.32
N ARG A 37 18.34 -3.21 -0.40
CA ARG A 37 17.80 -4.46 0.14
C ARG A 37 16.34 -4.64 -0.28
N HIS A 38 16.13 -5.33 -1.40
CA HIS A 38 14.78 -5.63 -1.87
C HIS A 38 14.12 -6.63 -0.93
N PRO A 39 12.84 -6.41 -0.56
CA PRO A 39 12.17 -7.32 0.39
C PRO A 39 11.98 -8.74 -0.13
N ASN A 40 11.92 -8.91 -1.44
CA ASN A 40 11.80 -10.23 -2.07
C ASN A 40 13.15 -10.92 -2.12
N PRO A 41 13.31 -12.04 -1.38
CA PRO A 41 14.60 -12.72 -1.37
C PRO A 41 14.99 -13.31 -2.73
N ALA A 42 14.01 -13.49 -3.62
CA ALA A 42 14.27 -13.98 -4.96
C ALA A 42 14.95 -12.92 -5.84
N VAL A 43 14.86 -11.67 -5.43
CA VAL A 43 15.51 -10.57 -6.15
C VAL A 43 16.98 -10.46 -5.74
N GLU A 44 17.83 -10.20 -6.72
CA GLU A 44 19.27 -10.04 -6.48
C GLU A 44 19.56 -8.95 -5.45
N ARG A 45 20.54 -9.20 -4.59
CA ARG A 45 20.94 -8.22 -3.58
C ARG A 45 21.60 -7.00 -4.21
N GLY A 46 21.39 -5.84 -3.59
CA GLY A 46 21.97 -4.60 -4.06
C GLY A 46 21.15 -3.94 -5.14
N ILE A 47 21.68 -2.86 -5.68
CA ILE A 47 20.95 -2.03 -6.64
C ILE A 47 20.64 -2.78 -7.94
N GLU A 48 21.42 -3.81 -8.28
CA GLU A 48 21.15 -4.57 -9.50
C GLU A 48 19.77 -5.23 -9.49
N GLY A 49 19.26 -5.58 -8.31
CA GLY A 49 17.91 -6.14 -8.20
C GLY A 49 16.86 -5.15 -8.70
N MSE A 50 17.06 -3.88 -8.39
CA MSE A 50 16.13 -2.84 -8.84
C MSE A 50 16.37 -2.44 -10.29
O MSE A 50 15.43 -2.15 -11.02
CB MSE A 50 16.21 -1.62 -7.93
CG MSE A 50 15.58 -1.89 -6.56
SE MSE A 50 13.62 -2.07 -6.67
CE MSE A 50 13.18 -0.19 -6.97
N ARG A 51 17.63 -2.44 -10.74
CA ARG A 51 17.92 -2.19 -12.15
C ARG A 51 17.25 -3.25 -13.03
N ALA A 52 17.29 -4.50 -12.58
CA ALA A 52 16.67 -5.60 -13.30
C ALA A 52 15.17 -5.37 -13.46
N ALA A 53 14.53 -4.82 -12.43
CA ALA A 53 13.10 -4.51 -12.49
C ALA A 53 12.79 -3.47 -13.57
N ILE A 54 13.62 -2.42 -13.65
CA ILE A 54 13.43 -1.40 -14.68
C ILE A 54 13.51 -1.99 -16.07
N ARG A 55 14.54 -2.80 -16.29
CA ARG A 55 14.77 -3.42 -17.59
C ARG A 55 13.59 -4.29 -17.99
N ARG A 56 13.06 -5.04 -17.02
CA ARG A 56 11.93 -5.93 -17.25
C ARG A 56 10.67 -5.16 -17.61
N TRP A 57 10.28 -4.21 -16.76
CA TRP A 57 9.09 -3.41 -17.02
C TRP A 57 9.20 -2.63 -18.33
N ALA A 58 10.37 -2.08 -18.60
CA ALA A 58 10.58 -1.27 -19.81
C ALA A 58 10.40 -2.11 -21.08
N SER A 59 10.72 -3.39 -21.00
CA SER A 59 10.61 -4.28 -22.16
C SER A 59 9.22 -4.92 -22.32
N THR A 60 8.42 -4.91 -21.26
CA THR A 60 7.12 -5.59 -21.28
C THR A 60 5.90 -4.66 -21.25
N VAL A 61 6.16 -3.35 -21.12
CA VAL A 61 5.09 -2.37 -21.04
C VAL A 61 5.33 -1.27 -22.07
N GLU A 62 4.30 -0.97 -22.87
CA GLU A 62 4.32 0.18 -23.77
C GLU A 62 3.66 1.35 -23.07
N ASP A 63 4.17 2.55 -23.31
CA ASP A 63 3.61 3.78 -22.73
C ASP A 63 3.62 3.74 -21.20
N LEU A 64 4.65 3.13 -20.61
CA LEU A 64 4.72 3.02 -19.16
C LEU A 64 4.63 4.40 -18.53
N SER A 65 3.75 4.54 -17.54
CA SER A 65 3.67 5.77 -16.78
CA SER A 65 3.63 5.77 -16.79
C SER A 65 3.56 5.47 -15.30
N LEU A 66 4.51 6.03 -14.55
CA LEU A 66 4.51 5.92 -13.10
C LEU A 66 4.34 7.33 -12.56
N THR A 67 3.26 7.54 -11.81
CA THR A 67 2.92 8.88 -11.32
C THR A 67 2.93 8.90 -9.81
N LEU A 68 3.36 10.02 -9.25
CA LEU A 68 3.39 10.22 -7.81
C LEU A 68 2.13 10.96 -7.38
N ASP A 69 1.26 10.26 -6.66
CA ASP A 69 -0.04 10.81 -6.26
C ASP A 69 0.02 11.47 -4.89
N ASP A 70 0.90 10.99 -4.02
CA ASP A 70 1.10 11.60 -2.70
C ASP A 70 2.46 11.20 -2.17
N LEU A 71 3.03 12.09 -1.36
CA LEU A 71 4.33 11.86 -0.73
C LEU A 71 4.26 12.31 0.72
N VAL A 72 4.63 11.42 1.63
CA VAL A 72 4.64 11.71 3.06
C VAL A 72 6.04 11.41 3.58
N VAL A 73 6.67 12.40 4.20
CA VAL A 73 8.07 12.30 4.60
C VAL A 73 8.22 12.58 6.09
N GLU A 74 8.95 11.71 6.77
CA GLU A 74 9.28 11.90 8.18
C GLU A 74 10.59 11.21 8.51
N GLY A 75 11.59 11.99 8.93
CA GLY A 75 12.86 11.43 9.35
C GLY A 75 13.53 10.64 8.24
N ASP A 76 13.73 9.34 8.47
CA ASP A 76 14.36 8.47 7.48
C ASP A 76 13.35 7.65 6.68
N LYS A 77 12.08 8.11 6.65
CA LYS A 77 11.04 7.43 5.90
C LYS A 77 10.40 8.33 4.84
N ALA A 78 10.17 7.75 3.67
CA ALA A 78 9.43 8.40 2.60
C ALA A 78 8.36 7.47 2.09
N VAL A 79 7.11 7.92 2.14
CA VAL A 79 5.98 7.14 1.65
C VAL A 79 5.50 7.73 0.34
N ALA A 80 5.53 6.92 -0.71
CA ALA A 80 5.09 7.34 -2.03
C ALA A 80 3.85 6.54 -2.44
N ARG A 81 2.72 7.23 -2.59
CA ARG A 81 1.55 6.62 -3.19
C ARG A 81 1.62 6.91 -4.69
N MSE A 82 1.58 5.85 -5.51
CA MSE A 82 1.80 5.98 -6.94
C MSE A 82 0.78 5.20 -7.73
O MSE A 82 0.06 4.35 -7.19
CB MSE A 82 3.20 5.49 -7.29
CG MSE A 82 4.28 6.38 -6.68
SE MSE A 82 6.09 5.71 -6.97
CE MSE A 82 6.12 4.34 -5.58
N THR A 83 0.69 5.54 -9.02
CA THR A 83 -0.14 4.85 -9.97
C THR A 83 0.75 4.39 -11.13
N PHE A 84 0.58 3.13 -11.51
CA PHE A 84 1.40 2.47 -12.51
C PHE A 84 0.49 2.05 -13.66
N SER A 85 0.72 2.63 -14.84
CA SER A 85 -0.16 2.42 -15.99
C SER A 85 0.65 2.13 -17.24
N GLY A 86 -0.01 1.56 -18.24
CA GLY A 86 0.64 1.25 -19.50
C GLY A 86 -0.19 0.28 -20.29
N ARG A 87 0.42 -0.28 -21.33
CA ARG A 87 -0.18 -1.36 -22.12
C ARG A 87 0.76 -2.55 -22.09
N GLN A 88 0.21 -3.72 -21.78
CA GLN A 88 1.03 -4.94 -21.71
C GLN A 88 1.41 -5.44 -23.09
N VAL A 89 2.71 -5.48 -23.37
CA VAL A 89 3.20 -6.01 -24.65
C VAL A 89 4.17 -7.18 -24.47
N GLY A 90 4.48 -7.53 -23.21
CA GLY A 90 5.30 -8.70 -22.90
C GLY A 90 4.78 -9.39 -21.68
N PRO A 91 5.41 -10.52 -21.29
CA PRO A 91 4.97 -11.26 -20.11
C PRO A 91 5.05 -10.43 -18.83
N ILE A 92 3.99 -10.45 -18.04
CA ILE A 92 3.97 -9.77 -16.75
C ILE A 92 3.50 -10.76 -15.70
N LEU A 93 4.38 -11.11 -14.77
CA LEU A 93 4.06 -12.04 -13.68
C LEU A 93 3.45 -13.34 -14.19
N GLY A 94 3.99 -13.86 -15.29
CA GLY A 94 3.54 -15.12 -15.86
C GLY A 94 2.35 -14.99 -16.78
N ILE A 95 1.77 -13.79 -16.86
CA ILE A 95 0.66 -13.53 -17.76
C ILE A 95 1.20 -13.24 -19.15
N PRO A 96 0.82 -14.04 -20.16
CA PRO A 96 1.25 -13.78 -21.52
C PRO A 96 0.81 -12.40 -22.02
N ALA A 97 1.57 -11.83 -22.95
CA ALA A 97 1.27 -10.50 -23.48
C ALA A 97 -0.17 -10.40 -23.99
N SER A 98 -0.97 -9.58 -23.33
CA SER A 98 -2.39 -9.45 -23.66
C SER A 98 -2.70 -8.29 -24.59
N GLY A 99 -1.81 -7.32 -24.66
CA GLY A 99 -2.06 -6.10 -25.41
C GLY A 99 -3.04 -5.17 -24.72
N ARG A 100 -3.38 -5.46 -23.47
CA ARG A 100 -4.40 -4.69 -22.75
C ARG A 100 -3.81 -3.57 -21.91
N ARG A 101 -4.59 -2.52 -21.74
CA ARG A 101 -4.25 -1.43 -20.83
C ARG A 101 -4.39 -1.87 -19.38
N PHE A 102 -3.56 -1.27 -18.53
CA PHE A 102 -3.70 -1.43 -17.10
C PHE A 102 -3.40 -0.12 -16.41
N SER A 103 -3.90 0.01 -15.19
CA SER A 103 -3.62 1.16 -14.35
C SER A 103 -3.94 0.74 -12.92
N VAL A 104 -2.90 0.61 -12.10
CA VAL A 104 -3.07 0.11 -10.73
C VAL A 104 -2.29 0.96 -9.73
N GLY A 105 -2.78 0.96 -8.50
CA GLY A 105 -2.14 1.72 -7.43
C GLY A 105 -1.11 0.91 -6.67
N LEU A 106 -0.17 1.63 -6.07
CA LEU A 106 0.77 1.02 -5.14
C LEU A 106 1.14 2.06 -4.08
N ILE A 107 1.64 1.58 -2.96
CA ILE A 107 2.23 2.44 -1.95
C ILE A 107 3.56 1.82 -1.55
N ASP A 108 4.63 2.59 -1.70
CA ASP A 108 5.97 2.19 -1.27
C ASP A 108 6.39 3.02 -0.07
N ILE A 109 6.93 2.36 0.95
CA ILE A 109 7.58 3.05 2.06
C ILE A 109 9.07 2.78 1.92
N PHE A 110 9.85 3.84 1.73
CA PHE A 110 11.30 3.75 1.60
C PHE A 110 12.00 4.12 2.90
N LEU A 111 13.05 3.37 3.23
CA LEU A 111 13.97 3.71 4.30
C LEU A 111 15.17 4.42 3.69
N ILE A 112 15.52 5.57 4.24
CA ILE A 112 16.64 6.38 3.76
C ILE A 112 17.90 6.11 4.60
N GLU A 113 18.97 5.68 3.93
CA GLU A 113 20.28 5.48 4.55
C GLU A 113 21.32 6.12 3.66
N ASP A 114 22.25 6.85 4.26
CA ASP A 114 23.32 7.51 3.51
C ASP A 114 22.77 8.40 2.39
N GLY A 115 21.64 9.04 2.66
CA GLY A 115 21.02 9.96 1.71
C GLY A 115 20.32 9.32 0.52
N LEU A 116 20.12 8.01 0.57
CA LEU A 116 19.49 7.28 -0.54
C LEU A 116 18.48 6.28 0.00
N PHE A 117 17.54 5.86 -0.85
CA PHE A 117 16.63 4.79 -0.45
C PHE A 117 17.41 3.47 -0.42
N ALA A 118 17.34 2.76 0.71
CA ALA A 118 18.12 1.53 0.90
C ALA A 118 17.27 0.27 1.06
N GLN A 119 15.97 0.45 1.26
CA GLN A 119 15.06 -0.65 1.50
C GLN A 119 13.65 -0.13 1.29
N HIS A 120 12.72 -1.01 0.93
CA HIS A 120 11.31 -0.63 0.90
C HIS A 120 10.40 -1.73 1.44
N TRP A 121 9.23 -1.30 1.86
CA TRP A 121 8.08 -2.15 2.13
C TRP A 121 6.97 -1.61 1.25
N ASP A 122 6.14 -2.47 0.68
CA ASP A 122 5.14 -1.99 -0.25
C ASP A 122 3.90 -2.85 -0.26
N GLU A 123 2.82 -2.28 -0.79
CA GLU A 123 1.67 -3.05 -1.25
C GLU A 123 1.25 -2.48 -2.59
N MSE A 124 0.87 -3.37 -3.50
CA MSE A 124 0.47 -3.00 -4.84
C MSE A 124 -0.75 -3.80 -5.21
O MSE A 124 -0.90 -4.94 -4.78
CB MSE A 124 1.63 -3.28 -5.80
CG MSE A 124 1.30 -3.01 -7.25
SE MSE A 124 3.02 -2.92 -8.18
CE MSE A 124 2.36 -3.12 -10.01
N ASP A 125 -1.63 -3.21 -6.02
CA ASP A 125 -2.88 -3.87 -6.39
C ASP A 125 -2.65 -4.90 -7.49
N LEU A 126 -1.95 -5.98 -7.13
CA LEU A 126 -1.66 -7.05 -8.08
C LEU A 126 -2.91 -7.83 -8.47
N LEU A 127 -3.89 -7.91 -7.57
CA LEU A 127 -5.17 -8.51 -7.91
C LEU A 127 -5.82 -7.73 -9.06
N GLY A 128 -5.84 -6.41 -8.94
CA GLY A 128 -6.36 -5.55 -9.98
C GLY A 128 -5.59 -5.68 -11.28
N LEU A 129 -4.27 -5.81 -11.19
CA LEU A 129 -3.45 -5.96 -12.38
C LEU A 129 -3.80 -7.26 -13.12
N HIS A 130 -3.94 -8.35 -12.37
CA HIS A 130 -4.35 -9.62 -12.96
C HIS A 130 -5.72 -9.52 -13.62
N ARG A 131 -6.65 -8.86 -12.96
CA ARG A 131 -8.00 -8.68 -13.49
C ARG A 131 -8.01 -7.86 -14.77
N GLN A 132 -7.28 -6.74 -14.75
CA GLN A 132 -7.25 -5.85 -15.91
C GLN A 132 -6.58 -6.51 -17.12
N LEU A 133 -5.60 -7.37 -16.87
CA LEU A 133 -4.89 -8.06 -17.96
C LEU A 133 -5.58 -9.36 -18.38
N GLY A 134 -6.74 -9.64 -17.80
CA GLY A 134 -7.56 -10.77 -18.22
C GLY A 134 -7.13 -12.12 -17.68
N ALA A 135 -6.29 -12.11 -16.65
CA ALA A 135 -5.74 -13.34 -16.08
C ALA A 135 -6.64 -13.95 -15.01
N LEU A 136 -7.58 -13.15 -14.48
CA LEU A 136 -8.52 -13.62 -13.47
C LEU A 136 -9.91 -13.03 -13.69
N GLU B 3 -0.83 19.71 12.15
CA GLU B 3 -1.47 20.32 13.34
C GLU B 3 -1.40 19.38 14.55
N LEU B 4 -1.76 18.11 14.36
CA LEU B 4 -1.61 17.13 15.43
C LEU B 4 -0.15 16.80 15.69
N ASP B 5 0.23 16.77 16.96
CA ASP B 5 1.54 16.27 17.35
C ASP B 5 1.60 14.77 17.07
N ARG B 6 2.81 14.25 16.97
CA ARG B 6 3.00 12.84 16.61
C ARG B 6 2.41 11.89 17.65
N ALA B 7 2.61 12.23 18.92
CA ALA B 7 2.04 11.44 20.01
C ALA B 7 0.53 11.36 19.88
N SER B 8 -0.09 12.44 19.44
CA SER B 8 -1.54 12.47 19.24
C SER B 8 -1.97 11.53 18.13
N VAL B 9 -1.19 11.46 17.05
CA VAL B 9 -1.50 10.56 15.95
C VAL B 9 -1.33 9.11 16.41
N GLN B 10 -0.31 8.85 17.21
CA GLN B 10 -0.12 7.52 17.79
C GLN B 10 -1.34 7.10 18.60
N GLN B 11 -1.93 8.03 19.34
CA GLN B 11 -3.14 7.75 20.12
C GLN B 11 -4.32 7.44 19.21
N LEU B 12 -4.46 8.18 18.11
CA LEU B 12 -5.51 7.86 17.12
C LEU B 12 -5.35 6.43 16.63
N MSE B 13 -4.11 6.04 16.32
CA MSE B 13 -3.86 4.70 15.81
C MSE B 13 -4.17 3.64 16.84
O MSE B 13 -4.65 2.58 16.49
CB MSE B 13 -2.41 4.56 15.36
CG MSE B 13 -2.12 5.28 14.06
SE MSE B 13 -3.29 4.78 12.58
CE MSE B 13 -3.16 2.83 12.72
N GLU B 14 -3.91 3.91 18.13
CA GLU B 14 -4.24 2.94 19.17
C GLU B 14 -5.74 2.67 19.19
N HIS B 15 -6.54 3.72 19.06
CA HIS B 15 -7.99 3.56 18.98
C HIS B 15 -8.41 2.81 17.72
N PHE B 16 -7.79 3.14 16.59
CA PHE B 16 -8.11 2.48 15.33
C PHE B 16 -7.88 0.97 15.45
N LEU B 17 -6.71 0.59 15.96
CA LEU B 17 -6.37 -0.82 16.12
C LEU B 17 -7.34 -1.52 17.08
N ALA B 18 -7.66 -0.84 18.18
CA ALA B 18 -8.53 -1.42 19.20
C ALA B 18 -9.95 -1.69 18.66
N ALA B 19 -10.43 -0.83 17.77
CA ALA B 19 -11.76 -1.03 17.18
C ALA B 19 -11.86 -2.40 16.52
N TYR B 20 -10.84 -2.75 15.74
CA TYR B 20 -10.79 -4.03 15.04
C TYR B 20 -10.50 -5.19 16.01
N ASN B 21 -9.47 -5.04 16.82
CA ASN B 21 -9.04 -6.14 17.69
C ASN B 21 -10.09 -6.51 18.74
N GLU B 22 -10.85 -5.51 19.19
CA GLU B 22 -11.91 -5.75 20.18
C GLU B 22 -13.29 -5.87 19.54
N GLY B 23 -13.39 -5.66 18.23
CA GLY B 23 -14.68 -5.64 17.55
C GLY B 23 -15.65 -4.67 18.21
N ASP B 24 -15.12 -3.50 18.60
CA ASP B 24 -15.90 -2.50 19.31
C ASP B 24 -15.84 -1.20 18.51
N PRO B 25 -16.90 -0.91 17.74
CA PRO B 25 -16.92 0.30 16.92
C PRO B 25 -16.76 1.60 17.70
N ARG B 26 -17.01 1.60 19.01
CA ARG B 26 -16.92 2.83 19.78
C ARG B 26 -15.51 3.43 19.76
N HIS B 27 -14.48 2.60 19.61
CA HIS B 27 -13.13 3.12 19.48
C HIS B 27 -12.99 4.07 18.28
N LEU B 28 -13.78 3.86 17.23
CA LEU B 28 -13.73 4.73 16.06
C LEU B 28 -14.14 6.16 16.36
N ASP B 29 -14.95 6.36 17.40
CA ASP B 29 -15.36 7.71 17.75
C ASP B 29 -14.19 8.56 18.21
N HIS B 30 -13.11 7.90 18.62
CA HIS B 30 -11.93 8.58 19.12
C HIS B 30 -10.83 8.72 18.08
N CYS B 31 -11.06 8.22 16.86
CA CYS B 31 -10.06 8.39 15.80
C CYS B 31 -10.61 8.77 14.43
N LEU B 32 -11.90 8.54 14.17
CA LEU B 32 -12.48 8.88 12.87
C LEU B 32 -13.44 10.06 12.95
N HIS B 33 -13.38 10.89 11.92
CA HIS B 33 -14.29 12.02 11.76
C HIS B 33 -15.73 11.53 11.60
N PRO B 34 -16.70 12.18 12.27
CA PRO B 34 -18.10 11.77 12.07
C PRO B 34 -18.54 11.85 10.60
N GLU B 35 -17.92 12.72 9.83
CA GLU B 35 -18.23 12.88 8.39
C GLU B 35 -17.18 12.18 7.52
N TYR B 36 -16.67 11.06 8.02
CA TYR B 36 -15.68 10.25 7.31
C TYR B 36 -16.08 10.00 5.87
N ARG B 37 -15.10 10.06 4.96
CA ARG B 37 -15.35 9.91 3.54
C ARG B 37 -14.66 8.65 3.02
N HIS B 38 -15.34 7.51 3.08
CA HIS B 38 -14.76 6.28 2.54
C HIS B 38 -14.64 6.40 1.02
N PRO B 39 -13.51 5.98 0.44
CA PRO B 39 -13.31 6.13 -1.00
C PRO B 39 -14.24 5.26 -1.88
N ASN B 40 -14.82 4.23 -1.30
CA ASN B 40 -15.78 3.37 -2.01
C ASN B 40 -17.18 3.93 -1.84
N PRO B 41 -17.82 4.40 -2.94
CA PRO B 41 -19.15 5.00 -2.77
C PRO B 41 -20.24 4.02 -2.35
N ALA B 42 -19.98 2.72 -2.44
CA ALA B 42 -20.92 1.71 -1.95
C ALA B 42 -20.99 1.69 -0.43
N VAL B 43 -19.96 2.25 0.22
CA VAL B 43 -19.92 2.36 1.68
C VAL B 43 -20.72 3.58 2.11
N GLU B 44 -21.51 3.45 3.16
CA GLU B 44 -22.30 4.56 3.68
C GLU B 44 -21.44 5.76 4.02
N ARG B 45 -21.93 6.95 3.72
CA ARG B 45 -21.21 8.18 4.06
C ARG B 45 -21.10 8.37 5.57
N GLY B 46 -20.01 8.99 5.98
CA GLY B 46 -19.76 9.27 7.39
C GLY B 46 -19.21 8.09 8.15
N ILE B 47 -19.09 8.26 9.45
CA ILE B 47 -18.49 7.25 10.30
C ILE B 47 -19.28 5.93 10.33
N GLU B 48 -20.59 5.98 10.04
CA GLU B 48 -21.38 4.75 9.98
C GLU B 48 -20.83 3.73 8.98
N GLY B 49 -20.24 4.20 7.89
CA GLY B 49 -19.63 3.30 6.91
C GLY B 49 -18.50 2.47 7.51
N MSE B 50 -17.70 3.10 8.37
CA MSE B 50 -16.60 2.41 9.03
C MSE B 50 -17.07 1.56 10.19
O MSE B 50 -16.50 0.50 10.46
CB MSE B 50 -15.53 3.39 9.46
CG MSE B 50 -14.75 3.96 8.26
SE MSE B 50 -13.63 2.58 7.38
CE MSE B 50 -12.18 2.48 8.69
N ARG B 51 -18.10 2.01 10.91
CA ARG B 51 -18.70 1.17 11.95
C ARG B 51 -19.23 -0.12 11.35
N ALA B 52 -19.83 -0.03 10.17
CA ALA B 52 -20.35 -1.21 9.48
C ALA B 52 -19.23 -2.19 9.14
N ALA B 53 -18.07 -1.67 8.75
CA ALA B 53 -16.91 -2.52 8.47
C ALA B 53 -16.49 -3.31 9.72
N ILE B 54 -16.44 -2.64 10.87
CA ILE B 54 -16.08 -3.32 12.12
C ILE B 54 -17.03 -4.48 12.39
N ARG B 55 -18.33 -4.24 12.25
CA ARG B 55 -19.32 -5.28 12.50
C ARG B 55 -19.16 -6.44 11.53
N ARG B 56 -18.87 -6.13 10.26
CA ARG B 56 -18.69 -7.17 9.25
C ARG B 56 -17.48 -8.05 9.56
N TRP B 57 -16.35 -7.43 9.88
CA TRP B 57 -15.15 -8.20 10.20
C TRP B 57 -15.36 -9.06 11.45
N ALA B 58 -16.06 -8.52 12.44
CA ALA B 58 -16.34 -9.23 13.68
C ALA B 58 -17.16 -10.50 13.43
N SER B 59 -17.94 -10.51 12.36
CA SER B 59 -18.78 -11.65 12.04
C SER B 59 -18.14 -12.63 11.04
N THR B 60 -17.18 -12.17 10.25
CA THR B 60 -16.61 -13.01 9.19
C THR B 60 -15.19 -13.51 9.47
N VAL B 61 -14.57 -12.99 10.53
CA VAL B 61 -13.21 -13.38 10.90
C VAL B 61 -13.18 -13.77 12.38
N GLU B 62 -12.61 -14.93 12.67
CA GLU B 62 -12.33 -15.34 14.05
C GLU B 62 -10.86 -15.09 14.34
N ASP B 63 -10.54 -14.84 15.61
CA ASP B 63 -9.17 -14.56 16.04
C ASP B 63 -8.55 -13.42 15.23
N LEU B 64 -9.34 -12.38 14.98
CA LEU B 64 -8.88 -11.24 14.21
C LEU B 64 -7.72 -10.56 14.93
N SER B 65 -6.67 -10.27 14.18
CA SER B 65 -5.56 -9.47 14.70
C SER B 65 -5.14 -8.42 13.70
N LEU B 66 -5.06 -7.18 14.17
CA LEU B 66 -4.56 -6.07 13.36
C LEU B 66 -3.44 -5.42 14.14
N THR B 67 -2.24 -5.44 13.58
CA THR B 67 -1.08 -4.91 14.26
C THR B 67 -0.37 -3.87 13.40
N LEU B 68 0.28 -2.93 14.09
CA LEU B 68 0.96 -1.82 13.46
C LEU B 68 2.44 -2.12 13.27
N ASP B 69 2.86 -2.20 12.01
CA ASP B 69 4.25 -2.47 11.67
C ASP B 69 5.09 -1.21 11.57
N ASP B 70 4.49 -0.12 11.08
CA ASP B 70 5.18 1.14 10.97
C ASP B 70 4.18 2.27 10.89
N LEU B 71 4.58 3.44 11.35
CA LEU B 71 3.77 4.65 11.31
C LEU B 71 4.66 5.81 10.85
N VAL B 72 4.20 6.53 9.83
CA VAL B 72 4.91 7.70 9.31
C VAL B 72 3.94 8.87 9.33
N VAL B 73 4.36 9.97 9.95
CA VAL B 73 3.48 11.11 10.19
C VAL B 73 4.09 12.41 9.66
N GLU B 74 3.30 13.17 8.90
CA GLU B 74 3.71 14.48 8.43
C GLU B 74 2.50 15.37 8.21
N GLY B 75 2.45 16.51 8.90
CA GLY B 75 1.38 17.47 8.70
C GLY B 75 0.02 16.86 8.94
N ASP B 76 -0.83 16.86 7.91
CA ASP B 76 -2.18 16.28 8.02
C ASP B 76 -2.26 14.86 7.45
N LYS B 77 -1.12 14.17 7.39
CA LYS B 77 -1.09 12.79 6.89
C LYS B 77 -0.51 11.82 7.91
N ALA B 78 -1.14 10.65 8.01
CA ALA B 78 -0.62 9.55 8.79
C ALA B 78 -0.63 8.29 7.94
N VAL B 79 0.51 7.63 7.87
CA VAL B 79 0.64 6.39 7.10
C VAL B 79 0.87 5.23 8.05
N ALA B 80 -0.03 4.25 8.02
CA ALA B 80 0.06 3.07 8.87
C ALA B 80 0.27 1.83 8.02
N ARG B 81 1.41 1.18 8.19
CA ARG B 81 1.64 -0.14 7.60
C ARG B 81 1.25 -1.18 8.64
N MSE B 82 0.37 -2.10 8.25
CA MSE B 82 -0.23 -3.03 9.21
C MSE B 82 -0.25 -4.44 8.67
O MSE B 82 -0.08 -4.68 7.47
CB MSE B 82 -1.65 -2.58 9.54
CG MSE B 82 -1.68 -1.25 10.30
SE MSE B 82 -3.47 -0.52 10.54
CE MSE B 82 -3.70 0.18 8.74
N THR B 83 -0.45 -5.39 9.60
CA THR B 83 -0.64 -6.79 9.28
C THR B 83 -2.01 -7.21 9.81
N PHE B 84 -2.78 -7.88 8.96
CA PHE B 84 -4.16 -8.26 9.23
C PHE B 84 -4.27 -9.77 9.12
N SER B 85 -4.67 -10.43 10.19
CA SER B 85 -4.72 -11.89 10.21
C SER B 85 -5.94 -12.41 10.96
N GLY B 86 -6.23 -13.69 10.78
CA GLY B 86 -7.36 -14.32 11.43
C GLY B 86 -7.74 -15.59 10.72
N ARG B 87 -8.93 -16.09 11.03
CA ARG B 87 -9.49 -17.26 10.36
C ARG B 87 -10.79 -16.85 9.70
N GLN B 88 -10.91 -17.14 8.40
CA GLN B 88 -12.13 -16.78 7.66
C GLN B 88 -13.27 -17.73 7.99
N VAL B 89 -14.36 -17.18 8.53
CA VAL B 89 -15.56 -17.97 8.80
C VAL B 89 -16.82 -17.44 8.10
N GLY B 90 -16.68 -16.32 7.39
CA GLY B 90 -17.76 -15.78 6.59
C GLY B 90 -17.20 -15.23 5.28
N PRO B 91 -18.06 -14.82 4.35
CA PRO B 91 -17.57 -14.29 3.07
C PRO B 91 -16.72 -13.05 3.27
N ILE B 92 -15.60 -12.98 2.54
CA ILE B 92 -14.72 -11.82 2.59
C ILE B 92 -14.45 -11.35 1.17
N LEU B 93 -14.93 -10.16 0.83
CA LEU B 93 -14.65 -9.52 -0.46
C LEU B 93 -14.87 -10.46 -1.64
N GLY B 94 -16.00 -11.17 -1.62
CA GLY B 94 -16.36 -12.07 -2.70
C GLY B 94 -15.83 -13.49 -2.57
N ILE B 95 -15.00 -13.74 -1.56
CA ILE B 95 -14.44 -15.05 -1.31
C ILE B 95 -15.33 -15.82 -0.34
N PRO B 96 -15.89 -16.97 -0.78
CA PRO B 96 -16.71 -17.77 0.13
C PRO B 96 -15.93 -18.24 1.36
N ALA B 97 -16.63 -18.46 2.47
CA ALA B 97 -15.98 -18.84 3.72
C ALA B 97 -15.19 -20.13 3.58
N SER B 98 -13.87 -20.04 3.80
CA SER B 98 -12.96 -21.18 3.59
C SER B 98 -12.61 -21.92 4.87
N GLY B 99 -12.83 -21.27 6.02
CA GLY B 99 -12.38 -21.82 7.30
C GLY B 99 -10.87 -21.73 7.49
N ARG B 100 -10.17 -21.03 6.61
CA ARG B 100 -8.71 -21.01 6.61
C ARG B 100 -8.11 -19.79 7.30
N ARG B 101 -6.89 -19.95 7.81
CA ARG B 101 -6.09 -18.85 8.32
C ARG B 101 -5.62 -17.96 7.18
N PHE B 102 -5.45 -16.68 7.48
CA PHE B 102 -4.82 -15.75 6.54
C PHE B 102 -3.98 -14.74 7.32
N SER B 103 -3.01 -14.16 6.64
CA SER B 103 -2.25 -13.04 7.17
C SER B 103 -1.77 -12.23 5.96
N VAL B 104 -2.20 -10.98 5.88
CA VAL B 104 -1.83 -10.12 4.77
C VAL B 104 -1.42 -8.74 5.24
N GLY B 105 -0.61 -8.08 4.43
CA GLY B 105 -0.18 -6.72 4.71
C GLY B 105 -1.09 -5.71 4.06
N LEU B 106 -1.11 -4.52 4.64
CA LEU B 106 -1.83 -3.39 4.06
C LEU B 106 -1.10 -2.11 4.46
N ILE B 107 -1.32 -1.07 3.67
CA ILE B 107 -0.86 0.27 4.03
C ILE B 107 -2.03 1.22 3.84
N ASP B 108 -2.36 1.96 4.90
CA ASP B 108 -3.38 3.01 4.87
C ASP B 108 -2.73 4.37 5.01
N ILE B 109 -3.14 5.30 4.15
CA ILE B 109 -2.77 6.70 4.29
C ILE B 109 -4.03 7.45 4.71
N PHE B 110 -3.98 8.09 5.88
CA PHE B 110 -5.11 8.85 6.41
C PHE B 110 -4.88 10.35 6.27
N LEU B 111 -5.93 11.05 5.90
CA LEU B 111 -5.99 12.51 5.96
C LEU B 111 -6.60 12.93 7.29
N ILE B 112 -5.91 13.83 8.00
CA ILE B 112 -6.38 14.32 9.29
C ILE B 112 -7.11 15.66 9.12
N GLU B 113 -8.36 15.70 9.59
CA GLU B 113 -9.16 16.93 9.62
C GLU B 113 -9.82 17.03 10.98
N ASP B 114 -9.78 18.22 11.56
CA ASP B 114 -10.37 18.45 12.88
C ASP B 114 -9.85 17.44 13.90
N GLY B 115 -8.57 17.10 13.80
CA GLY B 115 -7.92 16.20 14.75
C GLY B 115 -8.28 14.72 14.63
N LEU B 116 -8.94 14.35 13.54
CA LEU B 116 -9.40 12.97 13.34
C LEU B 116 -9.13 12.53 11.91
N PHE B 117 -9.05 11.22 11.68
CA PHE B 117 -8.94 10.71 10.31
C PHE B 117 -10.27 10.93 9.59
N ALA B 118 -10.22 11.57 8.42
CA ALA B 118 -11.44 11.94 7.69
C ALA B 118 -11.59 11.23 6.35
N GLN B 119 -10.51 10.61 5.89
CA GLN B 119 -10.49 9.99 4.58
C GLN B 119 -9.24 9.11 4.51
N HIS B 120 -9.25 8.08 3.66
CA HIS B 120 -8.06 7.26 3.46
C HIS B 120 -7.86 6.84 2.02
N TRP B 121 -6.63 6.47 1.72
CA TRP B 121 -6.22 5.80 0.49
C TRP B 121 -5.43 4.60 0.96
N ASP B 122 -5.65 3.44 0.36
CA ASP B 122 -5.00 2.24 0.87
C ASP B 122 -4.61 1.26 -0.24
N GLU B 123 -3.72 0.35 0.12
CA GLU B 123 -3.48 -0.86 -0.66
C GLU B 123 -3.34 -2.03 0.30
N MSE B 124 -3.95 -3.14 -0.05
CA MSE B 124 -3.87 -4.39 0.73
C MSE B 124 -3.48 -5.50 -0.22
O MSE B 124 -3.81 -5.44 -1.41
CB MSE B 124 -5.22 -4.70 1.41
CG MSE B 124 -5.29 -6.09 2.03
SE MSE B 124 -7.02 -6.48 2.88
CE MSE B 124 -6.53 -5.59 4.53
N ASP B 125 -2.78 -6.51 0.27
CA ASP B 125 -2.39 -7.67 -0.53
C ASP B 125 -3.60 -8.59 -0.78
N LEU B 126 -4.52 -8.12 -1.61
CA LEU B 126 -5.73 -8.90 -1.90
C LEU B 126 -5.43 -10.15 -2.73
N LEU B 127 -4.41 -10.09 -3.58
CA LEU B 127 -4.02 -11.28 -4.33
C LEU B 127 -3.57 -12.37 -3.35
N GLY B 128 -2.76 -11.99 -2.37
CA GLY B 128 -2.33 -12.90 -1.33
C GLY B 128 -3.49 -13.43 -0.52
N LEU B 129 -4.45 -12.57 -0.20
CA LEU B 129 -5.64 -12.98 0.53
C LEU B 129 -6.42 -14.05 -0.25
N HIS B 130 -6.62 -13.82 -1.54
CA HIS B 130 -7.29 -14.79 -2.40
C HIS B 130 -6.56 -16.12 -2.44
N ARG B 131 -5.24 -16.07 -2.55
CA ARG B 131 -4.44 -17.29 -2.60
C ARG B 131 -4.50 -18.07 -1.29
N GLN B 132 -4.40 -17.36 -0.17
CA GLN B 132 -4.42 -18.01 1.14
C GLN B 132 -5.80 -18.63 1.45
N LEU B 133 -6.86 -17.97 0.98
CA LEU B 133 -8.20 -18.44 1.29
C LEU B 133 -8.77 -19.38 0.22
N GLY B 134 -7.91 -19.81 -0.69
CA GLY B 134 -8.23 -20.87 -1.63
C GLY B 134 -9.06 -20.46 -2.83
N ALA B 135 -9.12 -19.15 -3.08
CA ALA B 135 -9.91 -18.62 -4.19
C ALA B 135 -9.11 -18.57 -5.49
N LEU B 136 -7.79 -18.63 -5.36
CA LEU B 136 -6.89 -18.60 -6.52
C LEU B 136 -5.72 -19.56 -6.30
N PRO B 137 -5.26 -20.21 -7.38
CA PRO B 137 -4.09 -21.09 -7.30
C PRO B 137 -2.79 -20.31 -7.11
C1 IPA C . 6.84 0.75 -9.78
C2 IPA C . 6.16 -0.59 -9.55
C3 IPA C . 5.99 -1.33 -10.88
O2 IPA C . 6.95 -1.38 -8.68
C1 IPA D . 10.14 -0.11 -5.07
C2 IPA D . 9.36 -0.71 -6.22
C3 IPA D . 9.08 -2.18 -5.96
O2 IPA D . 8.12 -0.02 -6.41
C1 IPA E . -9.17 -1.04 -16.43
C2 IPA E . -7.94 -0.09 -16.33
C3 IPA E . -7.26 0.24 -17.70
O2 IPA E . -8.41 1.17 -15.76
C1 IPA F . -7.97 -2.78 8.68
C2 IPA F . -8.34 -3.46 7.37
C3 IPA F . -9.09 -4.76 7.62
O2 IPA F . -9.14 -2.59 6.57
C1 IPA G . -9.23 2.27 6.58
C2 IPA G . -9.43 0.78 6.35
C3 IPA G . -9.68 0.50 4.87
O2 IPA G . -8.26 0.08 6.76
#